data_3FW8
#
_entry.id   3FW8
#
_cell.length_a   69.090
_cell.length_b   69.090
_cell.length_c   247.070
_cell.angle_alpha   90.000
_cell.angle_beta   90.000
_cell.angle_gamma   90.000
#
_symmetry.space_group_name_H-M   'P 41 21 2'
#
loop_
_entity.id
_entity.type
_entity.pdbx_description
1 polymer 'Reticuline oxidase'
2 branched alpha-D-mannopyranose-(1-4)-2-acetamido-2-deoxy-beta-D-glucopyranose-(1-4)-2-acetamido-2-deoxy-beta-D-glucopyranose
3 non-polymer 'FLAVIN-ADENINE DINUCLEOTIDE'
4 non-polymer 2-acetamido-2-deoxy-beta-D-glucopyranose
5 non-polymer 'MAGNESIUM ION'
6 water water
#
_entity_poly.entity_id   1
_entity_poly.type   'polypeptide(L)'
_entity_poly.pdbx_seq_one_letter_code
;DLLSCLTFNGVRNHTVFSADSDSDFNRFLHLSIQNPLFQNSLISKPSAIILPGSKEELSNTIRCIRKGSWTIRLRSGGHS
YEGLSYTSDTPFILIDLMNLNRVSIDLESETAWVESGSTLGELYYAITESSSKLGFTAGWAPTVGTGGHISGGGFGMMSR
KYGLAADNVVDAILIDANGAILDRQAMGEDVFWAIRGGGGGVWGAIYAWKIKLLPVPEKVTVFRVTKNVAIDEATSLLHK
WQFVAEELEEDFTLSVLGGADEKQVWLTMLGFHFGLKTVAKSTFDLLFPELGLVEEDYLEMSWGESFAYLAGLETVSQLN
NRFLKFDERAFKTKVDLTKEPLPSKAFYGLLERLSKEPNGFIALNGFGGQMSKISSDFTPFPHRSGTRLMVEYIVAWNQS
EQKKKTEFLDWLEKVYEFMKPFVSKNPRLGYVNHIDLDLGGIDWGNKTVVNNAIEISRSWGESYFLSNYERLIRAKTLID
PNNVFNHPQSIPPMA
;
_entity_poly.pdbx_strand_id   A
#
# COMPACT_ATOMS: atom_id res chain seq x y z
N ASP A 1 -24.88 0.85 -25.68
CA ASP A 1 -24.09 -0.18 -26.34
C ASP A 1 -23.34 -1.03 -25.34
N LEU A 2 -22.64 -0.38 -24.42
CA LEU A 2 -21.93 -1.08 -23.36
C LEU A 2 -22.92 -1.89 -22.54
N LEU A 3 -24.04 -1.27 -22.19
CA LEU A 3 -25.04 -1.95 -21.37
C LEU A 3 -25.63 -3.15 -22.09
N SER A 4 -25.88 -3.02 -23.38
CA SER A 4 -26.40 -4.12 -24.19
C SER A 4 -25.42 -5.29 -24.15
N CYS A 5 -24.14 -4.97 -24.30
CA CYS A 5 -23.10 -6.00 -24.28
C CYS A 5 -23.07 -6.71 -22.94
N LEU A 6 -23.13 -5.94 -21.86
CA LEU A 6 -23.08 -6.51 -20.52
C LEU A 6 -24.27 -7.43 -20.29
N THR A 7 -25.45 -7.00 -20.72
CA THR A 7 -26.66 -7.80 -20.61
C THR A 7 -26.52 -9.10 -21.39
N PHE A 8 -26.04 -9.00 -22.62
CA PHE A 8 -25.87 -10.17 -23.47
C PHE A 8 -24.95 -11.18 -22.80
N ASN A 9 -24.01 -10.67 -22.02
CA ASN A 9 -23.02 -11.51 -21.36
C ASN A 9 -23.36 -11.84 -19.91
N GLY A 10 -24.50 -11.37 -19.44
CA GLY A 10 -24.99 -11.73 -18.12
C GLY A 10 -24.39 -10.94 -16.96
N VAL A 11 -23.86 -9.76 -17.26
CA VAL A 11 -23.35 -8.87 -16.22
C VAL A 11 -24.44 -7.84 -15.90
N ARG A 12 -25.01 -7.92 -14.71
CA ARG A 12 -26.22 -7.16 -14.40
C ARG A 12 -26.04 -6.02 -13.39
N ASN A 13 -24.97 -6.07 -12.62
CA ASN A 13 -24.78 -5.03 -11.60
C ASN A 13 -24.00 -3.83 -12.15
N HIS A 14 -24.73 -2.88 -12.70
CA HIS A 14 -24.11 -1.69 -13.24
C HIS A 14 -25.00 -0.48 -13.04
N THR A 15 -24.38 0.68 -12.93
CA THR A 15 -25.09 1.92 -12.68
C THR A 15 -24.46 3.04 -13.51
N VAL A 16 -25.26 3.74 -14.29
CA VAL A 16 -24.74 4.80 -15.14
C VAL A 16 -24.64 6.11 -14.35
N PHE A 17 -23.77 6.99 -14.82
CA PHE A 17 -23.60 8.31 -14.21
C PHE A 17 -24.94 9.00 -13.95
N SER A 18 -25.06 9.60 -12.78
CA SER A 18 -26.20 10.43 -12.44
C SER A 18 -25.72 11.72 -11.77
N ALA A 19 -26.34 12.83 -12.14
CA ALA A 19 -26.02 14.13 -11.54
C ALA A 19 -26.65 14.25 -10.16
N ASP A 20 -27.65 13.42 -9.89
CA ASP A 20 -28.32 13.42 -8.61
C ASP A 20 -27.36 13.03 -7.49
N SER A 21 -27.07 13.98 -6.62
CA SER A 21 -26.11 13.78 -5.54
C SER A 21 -26.48 12.63 -4.60
N ASP A 22 -27.74 12.21 -4.64
CA ASP A 22 -28.20 11.12 -3.77
C ASP A 22 -28.40 9.83 -4.56
N SER A 23 -28.00 9.85 -5.82
CA SER A 23 -28.14 8.68 -6.68
C SER A 23 -27.35 7.50 -6.15
N ASP A 24 -27.79 6.31 -6.50
CA ASP A 24 -27.07 5.10 -6.17
C ASP A 24 -25.68 5.15 -6.83
N PHE A 25 -25.60 5.81 -7.97
CA PHE A 25 -24.33 5.98 -8.67
C PHE A 25 -23.32 6.68 -7.77
N ASN A 26 -23.71 7.83 -7.24
CA ASN A 26 -22.85 8.61 -6.36
CA ASN A 26 -22.83 8.59 -6.38
C ASN A 26 -22.50 7.86 -5.08
N ARG A 27 -23.46 7.12 -4.55
CA ARG A 27 -23.23 6.32 -3.35
C ARG A 27 -22.14 5.29 -3.59
N PHE A 28 -22.26 4.53 -4.67
CA PHE A 28 -21.24 3.54 -5.02
C PHE A 28 -19.90 4.20 -5.29
N LEU A 29 -19.91 5.33 -5.99
CA LEU A 29 -18.67 6.03 -6.28
C LEU A 29 -17.92 6.36 -4.99
N HIS A 30 -18.64 6.91 -4.02
CA HIS A 30 -18.00 7.41 -2.81
C HIS A 30 -17.68 6.36 -1.75
N LEU A 31 -18.33 5.20 -1.84
CA LEU A 31 -18.15 4.16 -0.84
C LEU A 31 -16.69 3.85 -0.54
N SER A 32 -15.88 3.81 -1.58
CA SER A 32 -14.49 3.42 -1.44
C SER A 32 -13.51 4.53 -1.85
N ILE A 33 -13.91 5.79 -1.73
CA ILE A 33 -12.95 6.86 -1.90
C ILE A 33 -12.26 7.09 -0.55
N GLN A 34 -10.97 6.77 -0.48
CA GLN A 34 -10.27 6.80 0.80
C GLN A 34 -9.45 8.06 1.04
N ASN A 35 -9.37 8.91 0.02
CA ASN A 35 -8.73 10.20 0.18
C ASN A 35 -9.67 11.30 -0.27
N PRO A 36 -10.28 12.01 0.70
CA PRO A 36 -11.23 13.10 0.41
C PRO A 36 -10.66 14.15 -0.54
N LEU A 37 -9.34 14.20 -0.68
CA LEU A 37 -8.70 15.12 -1.62
C LEU A 37 -9.27 14.93 -3.03
N PHE A 38 -9.80 13.75 -3.31
CA PHE A 38 -10.29 13.41 -4.65
C PHE A 38 -11.80 13.17 -4.70
N GLN A 39 -12.53 13.84 -3.81
CA GLN A 39 -13.96 13.58 -3.66
C GLN A 39 -14.86 14.67 -4.25
N ASN A 40 -14.34 15.88 -4.42
CA ASN A 40 -15.16 17.03 -4.79
C ASN A 40 -15.83 16.96 -6.17
N SER A 41 -16.74 17.89 -6.42
CA SER A 41 -17.56 17.89 -7.63
C SER A 41 -16.73 18.20 -8.89
N LEU A 42 -15.55 18.77 -8.70
CA LEU A 42 -14.72 19.20 -9.81
C LEU A 42 -13.81 18.07 -10.32
N ILE A 43 -13.79 16.96 -9.60
CA ILE A 43 -12.99 15.80 -9.98
C ILE A 43 -13.71 15.00 -11.07
N SER A 44 -12.94 14.33 -11.93
CA SER A 44 -13.49 13.45 -12.96
C SER A 44 -14.34 12.35 -12.34
N LYS A 45 -15.45 12.01 -13.00
CA LYS A 45 -16.35 10.95 -12.53
C LYS A 45 -16.56 9.89 -13.63
N PRO A 46 -16.75 8.63 -13.23
CA PRO A 46 -16.93 7.58 -14.23
C PRO A 46 -18.26 7.73 -14.98
N SER A 47 -18.29 7.24 -16.22
CA SER A 47 -19.52 7.23 -17.01
C SER A 47 -20.47 6.14 -16.55
N ALA A 48 -19.91 5.09 -15.94
CA ALA A 48 -20.70 4.02 -15.35
C ALA A 48 -19.85 3.28 -14.35
N ILE A 49 -20.51 2.63 -13.41
CA ILE A 49 -19.83 1.80 -12.42
C ILE A 49 -20.35 0.38 -12.56
N ILE A 50 -19.44 -0.57 -12.72
CA ILE A 50 -19.78 -1.98 -12.87
CA ILE A 50 -19.80 -1.98 -12.86
C ILE A 50 -19.24 -2.77 -11.68
N LEU A 51 -20.10 -3.60 -11.09
CA LEU A 51 -19.70 -4.43 -9.95
CA LEU A 51 -19.71 -4.42 -9.96
C LEU A 51 -19.77 -5.91 -10.32
N PRO A 52 -18.71 -6.45 -10.93
CA PRO A 52 -18.73 -7.86 -11.30
C PRO A 52 -18.77 -8.77 -10.08
N GLY A 53 -19.44 -9.91 -10.19
CA GLY A 53 -19.63 -10.81 -9.07
C GLY A 53 -18.98 -12.17 -9.23
N SER A 54 -18.26 -12.35 -10.32
CA SER A 54 -17.55 -13.62 -10.59
C SER A 54 -16.40 -13.36 -11.55
N LYS A 55 -15.51 -14.34 -11.68
CA LYS A 55 -14.42 -14.20 -12.64
C LYS A 55 -14.94 -14.06 -14.07
N GLU A 56 -16.01 -14.79 -14.41
CA GLU A 56 -16.60 -14.66 -15.75
C GLU A 56 -17.20 -13.27 -15.97
N GLU A 57 -17.88 -12.73 -14.96
CA GLU A 57 -18.41 -11.37 -15.08
C GLU A 57 -17.29 -10.34 -15.25
N LEU A 58 -16.18 -10.54 -14.55
CA LEU A 58 -15.04 -9.64 -14.69
C LEU A 58 -14.46 -9.74 -16.11
N SER A 59 -14.30 -10.97 -16.58
CA SER A 59 -13.82 -11.22 -17.93
C SER A 59 -14.69 -10.55 -18.99
N ASN A 60 -16.00 -10.74 -18.87
CA ASN A 60 -16.93 -10.20 -19.85
C ASN A 60 -17.08 -8.69 -19.75
N THR A 61 -16.91 -8.16 -18.55
CA THR A 61 -16.93 -6.72 -18.37
C THR A 61 -15.79 -6.08 -19.15
N ILE A 62 -14.59 -6.64 -19.03
CA ILE A 62 -13.45 -6.14 -19.77
C ILE A 62 -13.67 -6.27 -21.28
N ARG A 63 -14.16 -7.43 -21.71
CA ARG A 63 -14.43 -7.64 -23.13
C ARG A 63 -15.41 -6.61 -23.70
N CYS A 64 -16.48 -6.33 -22.96
CA CYS A 64 -17.47 -5.37 -23.42
C CYS A 64 -16.91 -3.95 -23.49
N ILE A 65 -16.14 -3.58 -22.47
CA ILE A 65 -15.56 -2.23 -22.42
C ILE A 65 -14.64 -1.98 -23.62
N ARG A 66 -13.94 -3.03 -24.05
CA ARG A 66 -13.03 -2.90 -25.19
C ARG A 66 -13.72 -2.66 -26.52
N LYS A 67 -14.96 -3.13 -26.64
CA LYS A 67 -15.73 -2.92 -27.86
C LYS A 67 -16.09 -1.44 -28.02
N GLY A 68 -16.01 -0.70 -26.92
CA GLY A 68 -16.24 0.72 -26.94
C GLY A 68 -14.94 1.50 -26.90
N SER A 69 -15.01 2.77 -26.54
CA SER A 69 -13.82 3.59 -26.39
C SER A 69 -13.81 4.16 -24.99
N TRP A 70 -13.40 3.34 -24.04
CA TRP A 70 -13.36 3.74 -22.65
C TRP A 70 -11.98 3.51 -22.08
N THR A 71 -11.68 4.23 -21.01
CA THR A 71 -10.53 3.91 -20.19
C THR A 71 -11.01 3.06 -19.02
N ILE A 72 -10.38 1.91 -18.82
CA ILE A 72 -10.73 1.06 -17.68
C ILE A 72 -10.08 1.54 -16.39
N ARG A 73 -10.87 1.63 -15.33
CA ARG A 73 -10.35 1.86 -14.00
C ARG A 73 -10.81 0.75 -13.05
N LEU A 74 -9.85 0.11 -12.40
CA LEU A 74 -10.14 -0.96 -11.46
C LEU A 74 -10.04 -0.43 -10.04
N ARG A 75 -10.98 -0.78 -9.18
CA ARG A 75 -10.90 -0.39 -7.78
C ARG A 75 -11.18 -1.56 -6.87
N SER A 76 -10.30 -1.74 -5.90
CA SER A 76 -10.47 -2.76 -4.88
C SER A 76 -10.82 -2.07 -3.57
N GLY A 77 -9.82 -1.55 -2.86
CA GLY A 77 -10.09 -0.85 -1.61
C GLY A 77 -10.14 0.67 -1.74
N GLY A 78 -9.74 1.19 -2.88
CA GLY A 78 -9.79 2.63 -3.13
C GLY A 78 -8.77 3.46 -2.37
N HIS A 79 -7.73 2.81 -1.87
CA HIS A 79 -6.72 3.52 -1.07
C HIS A 79 -5.65 4.28 -1.85
N SER A 80 -5.68 4.24 -3.19
CA SER A 80 -4.68 4.95 -3.99
C SER A 80 -4.42 6.34 -3.44
N TYR A 81 -3.17 6.64 -3.08
CA TYR A 81 -2.85 7.94 -2.53
C TYR A 81 -3.18 9.05 -3.52
N GLU A 82 -3.20 8.73 -4.81
CA GLU A 82 -3.46 9.72 -5.86
C GLU A 82 -4.81 9.51 -6.56
N GLY A 83 -5.68 8.69 -5.96
CA GLY A 83 -7.02 8.48 -6.47
C GLY A 83 -7.07 7.80 -7.84
N LEU A 84 -6.05 7.03 -8.17
CA LEU A 84 -5.89 6.52 -9.53
C LEU A 84 -6.81 5.34 -9.86
N SER A 85 -7.51 4.82 -8.86
CA SER A 85 -8.49 3.77 -9.10
C SER A 85 -9.87 4.30 -9.48
N TYR A 86 -10.09 5.62 -9.38
CA TYR A 86 -11.44 6.13 -9.62
C TYR A 86 -11.42 7.53 -10.26
N THR A 87 -10.29 7.88 -10.85
CA THR A 87 -10.18 9.11 -11.64
C THR A 87 -9.44 8.86 -12.95
N SER A 88 -9.75 9.69 -13.94
CA SER A 88 -9.13 9.61 -15.27
C SER A 88 -9.45 10.88 -16.06
N ASP A 89 -8.48 11.39 -16.80
CA ASP A 89 -8.71 12.58 -17.63
C ASP A 89 -9.60 12.24 -18.81
N THR A 90 -9.53 10.99 -19.26
CA THR A 90 -10.35 10.53 -20.36
C THR A 90 -11.58 9.80 -19.83
N PRO A 91 -12.68 9.80 -20.59
CA PRO A 91 -13.90 9.12 -20.15
C PRO A 91 -13.56 7.71 -19.70
N PHE A 92 -14.10 7.29 -18.57
CA PHE A 92 -13.72 5.99 -18.02
C PHE A 92 -14.88 5.22 -17.43
N ILE A 93 -14.67 3.91 -17.34
CA ILE A 93 -15.62 3.03 -16.68
C ILE A 93 -14.94 2.49 -15.43
N LEU A 94 -15.62 2.62 -14.30
CA LEU A 94 -15.11 2.15 -13.04
C LEU A 94 -15.60 0.72 -12.77
N ILE A 95 -14.66 -0.22 -12.75
CA ILE A 95 -14.95 -1.60 -12.36
C ILE A 95 -14.61 -1.72 -10.89
N ASP A 96 -15.65 -1.72 -10.05
CA ASP A 96 -15.49 -1.81 -8.61
C ASP A 96 -15.58 -3.27 -8.20
N LEU A 97 -14.57 -3.75 -7.50
CA LEU A 97 -14.44 -5.17 -7.19
C LEU A 97 -14.97 -5.55 -5.81
N MET A 98 -15.73 -4.66 -5.17
CA MET A 98 -16.18 -4.90 -3.80
C MET A 98 -17.00 -6.18 -3.62
N ASN A 99 -17.66 -6.66 -4.67
CA ASN A 99 -18.41 -7.90 -4.55
C ASN A 99 -17.56 -9.15 -4.72
N LEU A 100 -16.32 -8.97 -5.16
CA LEU A 100 -15.37 -10.06 -5.24
C LEU A 100 -14.55 -10.07 -3.96
N ASN A 101 -15.19 -10.41 -2.85
CA ASN A 101 -14.49 -10.40 -1.57
C ASN A 101 -14.55 -11.73 -0.86
N ARG A 102 -14.55 -12.81 -1.62
CA ARG A 102 -14.53 -14.15 -1.04
C ARG A 102 -13.10 -14.55 -0.65
N VAL A 103 -12.95 -15.01 0.58
CA VAL A 103 -11.69 -15.60 1.04
C VAL A 103 -11.91 -17.08 1.28
N SER A 104 -11.09 -17.91 0.67
CA SER A 104 -11.19 -19.36 0.83
C SER A 104 -9.92 -19.92 1.46
N ILE A 105 -10.01 -20.26 2.75
CA ILE A 105 -8.89 -20.81 3.50
CA ILE A 105 -8.88 -20.81 3.47
C ILE A 105 -8.85 -22.33 3.37
N ASP A 106 -7.68 -22.86 3.00
CA ASP A 106 -7.49 -24.30 2.96
C ASP A 106 -6.52 -24.66 4.09
N LEU A 107 -7.07 -25.18 5.17
CA LEU A 107 -6.26 -25.52 6.34
C LEU A 107 -5.39 -26.76 6.10
N GLU A 108 -5.73 -27.56 5.09
CA GLU A 108 -4.93 -28.75 4.81
C GLU A 108 -3.64 -28.41 4.07
N SER A 109 -3.67 -27.35 3.25
CA SER A 109 -2.46 -26.89 2.60
C SER A 109 -1.87 -25.65 3.25
N GLU A 110 -2.63 -25.05 4.16
CA GLU A 110 -2.26 -23.76 4.75
C GLU A 110 -1.96 -22.72 3.66
N THR A 111 -2.94 -22.60 2.77
CA THR A 111 -2.95 -21.57 1.73
C THR A 111 -4.34 -20.96 1.71
N ALA A 112 -4.49 -19.87 0.96
CA ALA A 112 -5.80 -19.26 0.79
C ALA A 112 -5.91 -18.68 -0.60
N TRP A 113 -7.09 -18.84 -1.20
CA TRP A 113 -7.45 -18.07 -2.38
C TRP A 113 -8.25 -16.86 -1.92
N VAL A 114 -7.84 -15.69 -2.41
CA VAL A 114 -8.38 -14.42 -1.92
C VAL A 114 -8.84 -13.60 -3.12
N GLU A 115 -10.16 -13.46 -3.30
CA GLU A 115 -10.64 -12.59 -4.37
C GLU A 115 -10.13 -11.17 -4.15
N SER A 116 -9.84 -10.47 -5.25
CA SER A 116 -9.07 -9.23 -5.19
C SER A 116 -9.82 -8.01 -4.64
N GLY A 117 -11.14 -8.12 -4.47
CA GLY A 117 -11.91 -7.10 -3.78
C GLY A 117 -11.82 -7.22 -2.26
N SER A 118 -11.27 -8.32 -1.76
CA SER A 118 -11.13 -8.51 -0.32
C SER A 118 -10.14 -7.49 0.25
N THR A 119 -10.46 -6.96 1.42
CA THR A 119 -9.54 -6.04 2.11
C THR A 119 -8.59 -6.83 3.00
N LEU A 120 -7.52 -6.18 3.42
CA LEU A 120 -6.59 -6.78 4.36
C LEU A 120 -7.30 -7.19 5.64
N GLY A 121 -8.22 -6.34 6.13
CA GLY A 121 -8.97 -6.65 7.33
C GLY A 121 -9.85 -7.88 7.19
N GLU A 122 -10.54 -7.97 6.05
CA GLU A 122 -11.36 -9.14 5.77
C GLU A 122 -10.49 -10.39 5.73
N LEU A 123 -9.32 -10.29 5.11
CA LEU A 123 -8.41 -11.43 5.05
C LEU A 123 -7.90 -11.83 6.43
N TYR A 124 -7.42 -10.85 7.20
CA TYR A 124 -6.92 -11.13 8.55
C TYR A 124 -8.01 -11.75 9.42
N TYR A 125 -9.23 -11.22 9.31
CA TYR A 125 -10.35 -11.75 10.07
C TYR A 125 -10.62 -13.20 9.72
N ALA A 126 -10.64 -13.51 8.43
CA ALA A 126 -10.89 -14.88 7.99
C ALA A 126 -9.80 -15.82 8.50
N ILE A 127 -8.56 -15.36 8.46
CA ILE A 127 -7.46 -16.20 8.90
C ILE A 127 -7.57 -16.49 10.41
N THR A 128 -7.78 -15.46 11.21
CA THR A 128 -7.85 -15.66 12.64
CA THR A 128 -7.90 -15.61 12.67
C THR A 128 -9.07 -16.51 13.05
N GLU A 129 -10.16 -16.41 12.30
CA GLU A 129 -11.33 -17.23 12.57
C GLU A 129 -11.02 -18.72 12.31
N SER A 130 -10.14 -18.97 11.35
CA SER A 130 -9.86 -20.33 10.92
C SER A 130 -8.82 -21.04 11.78
N SER A 131 -7.90 -20.27 12.36
CA SER A 131 -6.76 -20.82 13.05
C SER A 131 -6.14 -19.81 14.00
N SER A 132 -5.62 -20.30 15.11
CA SER A 132 -4.91 -19.45 16.05
C SER A 132 -3.40 -19.51 15.82
N LYS A 133 -2.96 -20.28 14.82
CA LYS A 133 -1.54 -20.46 14.58
C LYS A 133 -1.09 -20.05 13.18
N LEU A 134 -1.96 -19.35 12.44
CA LEU A 134 -1.66 -18.88 11.09
C LEU A 134 -1.88 -17.40 10.98
N GLY A 135 -1.05 -16.75 10.16
CA GLY A 135 -1.18 -15.33 9.91
C GLY A 135 -0.74 -15.03 8.50
N PHE A 136 -0.62 -13.75 8.18
CA PHE A 136 -0.13 -13.35 6.87
C PHE A 136 0.52 -12.00 6.97
N THR A 137 1.49 -11.77 6.10
CA THR A 137 2.23 -10.51 6.10
C THR A 137 1.71 -9.51 5.06
N ALA A 138 1.19 -8.40 5.57
CA ALA A 138 0.79 -7.29 4.71
C ALA A 138 0.70 -6.02 5.55
N GLY A 139 0.14 -4.97 4.97
CA GLY A 139 0.07 -3.68 5.63
C GLY A 139 -0.82 -3.61 6.85
N TRP A 140 -0.75 -2.47 7.54
CA TRP A 140 -1.44 -2.34 8.81
C TRP A 140 -2.93 -2.04 8.67
N ALA A 141 -3.30 -1.39 7.57
CA ALA A 141 -4.62 -0.77 7.44
C ALA A 141 -5.70 -1.75 6.94
N PRO A 142 -6.71 -1.97 7.77
CA PRO A 142 -7.68 -3.04 7.47
C PRO A 142 -8.59 -2.74 6.27
N THR A 143 -8.73 -1.49 5.86
CA THR A 143 -9.60 -1.20 4.72
C THR A 143 -8.86 -1.15 3.39
N VAL A 144 -7.55 -1.35 3.42
CA VAL A 144 -6.78 -1.43 2.17
C VAL A 144 -7.19 -2.68 1.41
N GLY A 145 -7.32 -2.56 0.09
CA GLY A 145 -7.70 -3.72 -0.71
C GLY A 145 -6.52 -4.59 -1.13
N THR A 146 -6.74 -5.90 -1.17
CA THR A 146 -5.69 -6.80 -1.64
C THR A 146 -5.35 -6.56 -3.11
N GLY A 147 -6.31 -6.03 -3.87
CA GLY A 147 -6.08 -5.83 -5.30
C GLY A 147 -4.95 -4.87 -5.59
N GLY A 148 -5.00 -3.68 -5.00
CA GLY A 148 -3.92 -2.73 -5.16
C GLY A 148 -2.69 -3.08 -4.34
N HIS A 149 -2.92 -3.51 -3.11
CA HIS A 149 -1.83 -3.68 -2.14
C HIS A 149 -0.87 -4.77 -2.53
N ILE A 150 -1.38 -5.95 -2.82
CA ILE A 150 -0.48 -7.04 -3.19
C ILE A 150 0.15 -6.78 -4.55
N SER A 151 -0.61 -6.13 -5.45
CA SER A 151 -0.06 -5.77 -6.75
C SER A 151 1.18 -4.88 -6.63
N GLY A 152 1.25 -4.10 -5.56
CA GLY A 152 2.36 -3.18 -5.35
C GLY A 152 3.42 -3.64 -4.38
N GLY A 153 3.27 -4.85 -3.84
CA GLY A 153 4.21 -5.35 -2.84
C GLY A 153 3.52 -5.68 -1.53
N GLY A 154 3.47 -4.71 -0.62
CA GLY A 154 2.69 -4.85 0.59
C GLY A 154 3.55 -5.07 1.82
N PHE A 155 3.92 -3.98 2.48
CA PHE A 155 4.85 -4.00 3.59
C PHE A 155 4.12 -3.75 4.91
N GLY A 156 4.52 -4.48 5.95
CA GLY A 156 3.91 -4.28 7.24
C GLY A 156 4.76 -4.76 8.39
N MET A 157 4.13 -4.89 9.55
CA MET A 157 4.83 -5.17 10.79
C MET A 157 5.46 -6.56 10.86
N MET A 158 5.07 -7.45 9.96
CA MET A 158 5.69 -8.76 9.93
C MET A 158 6.63 -8.94 8.75
N SER A 159 6.93 -7.86 8.04
CA SER A 159 7.80 -7.97 6.88
C SER A 159 9.26 -8.28 7.22
N ARG A 160 9.71 -7.90 8.41
CA ARG A 160 11.07 -8.23 8.83
CA ARG A 160 11.06 -8.24 8.85
C ARG A 160 11.20 -9.73 9.06
N LYS A 161 10.07 -10.40 9.28
CA LYS A 161 10.06 -11.85 9.47
C LYS A 161 9.72 -12.60 8.18
N TYR A 162 8.82 -12.04 7.38
CA TYR A 162 8.25 -12.78 6.25
C TYR A 162 8.26 -12.06 4.90
N GLY A 163 8.81 -10.84 4.86
CA GLY A 163 8.82 -10.08 3.61
C GLY A 163 7.48 -9.45 3.29
N LEU A 164 7.27 -9.16 2.01
CA LEU A 164 6.06 -8.48 1.56
C LEU A 164 4.92 -9.46 1.33
N ALA A 165 3.70 -8.96 1.32
CA ALA A 165 2.57 -9.79 0.90
C ALA A 165 2.88 -10.51 -0.42
N ALA A 166 3.39 -9.75 -1.38
CA ALA A 166 3.64 -10.29 -2.72
C ALA A 166 4.73 -11.36 -2.72
N ASP A 167 5.58 -11.36 -1.70
CA ASP A 167 6.65 -12.36 -1.58
C ASP A 167 6.10 -13.71 -1.13
N ASN A 168 4.82 -13.74 -0.79
CA ASN A 168 4.20 -14.97 -0.29
C ASN A 168 2.98 -15.38 -1.13
N VAL A 169 2.96 -14.90 -2.38
CA VAL A 169 1.96 -15.30 -3.36
C VAL A 169 2.49 -16.47 -4.20
N VAL A 170 1.70 -17.53 -4.33
CA VAL A 170 2.15 -18.75 -5.01
C VAL A 170 1.38 -19.06 -6.29
N ASP A 171 0.26 -18.38 -6.49
CA ASP A 171 -0.52 -18.49 -7.72
C ASP A 171 -1.41 -17.26 -7.75
N ALA A 172 -2.07 -17.03 -8.89
CA ALA A 172 -2.99 -15.92 -9.02
C ALA A 172 -3.81 -16.16 -10.27
N ILE A 173 -4.99 -15.55 -10.33
CA ILE A 173 -5.79 -15.53 -11.54
CA ILE A 173 -5.76 -15.53 -11.55
C ILE A 173 -5.81 -14.11 -12.07
N LEU A 174 -5.28 -13.92 -13.27
CA LEU A 174 -5.22 -12.61 -13.92
C LEU A 174 -6.13 -12.63 -15.12
N ILE A 175 -7.00 -11.63 -15.21
CA ILE A 175 -7.87 -11.44 -16.37
CA ILE A 175 -7.84 -11.47 -16.39
C ILE A 175 -7.20 -10.43 -17.28
N ASP A 176 -6.82 -10.86 -18.48
CA ASP A 176 -6.06 -9.98 -19.36
C ASP A 176 -6.93 -9.08 -20.23
N ALA A 177 -6.29 -8.29 -21.09
CA ALA A 177 -6.98 -7.29 -21.90
C ALA A 177 -8.05 -7.88 -22.80
N ASN A 178 -7.93 -9.16 -23.12
CA ASN A 178 -8.91 -9.84 -23.96
C ASN A 178 -9.92 -10.66 -23.18
N GLY A 179 -9.85 -10.59 -21.86
CA GLY A 179 -10.77 -11.34 -21.02
C GLY A 179 -10.31 -12.76 -20.72
N ALA A 180 -9.09 -13.10 -21.13
CA ALA A 180 -8.56 -14.43 -20.85
C ALA A 180 -8.41 -14.61 -19.35
N ILE A 181 -8.73 -15.81 -18.86
CA ILE A 181 -8.64 -16.13 -17.45
C ILE A 181 -7.39 -16.97 -17.21
N LEU A 182 -6.35 -16.34 -16.67
CA LEU A 182 -5.01 -16.91 -16.63
C LEU A 182 -4.53 -17.20 -15.22
N ASP A 183 -4.20 -18.46 -14.95
CA ASP A 183 -3.49 -18.78 -13.70
C ASP A 183 -1.97 -18.63 -13.90
N ARG A 184 -1.19 -18.98 -12.87
CA ARG A 184 0.25 -18.81 -12.96
C ARG A 184 0.83 -19.54 -14.18
N GLN A 185 0.39 -20.78 -14.39
CA GLN A 185 0.88 -21.57 -15.51
C GLN A 185 0.56 -20.93 -16.85
N ALA A 186 -0.64 -20.36 -16.97
CA ALA A 186 -1.07 -19.77 -18.22
C ALA A 186 -0.38 -18.43 -18.52
N MET A 187 -0.20 -17.61 -17.49
CA MET A 187 0.36 -16.27 -17.72
C MET A 187 1.87 -16.31 -17.93
N GLY A 188 2.52 -17.35 -17.41
CA GLY A 188 3.96 -17.48 -17.54
C GLY A 188 4.71 -16.84 -16.39
N GLU A 189 5.98 -17.20 -16.23
CA GLU A 189 6.74 -16.72 -15.08
C GLU A 189 7.10 -15.23 -15.10
N ASP A 190 7.29 -14.66 -16.29
CA ASP A 190 7.57 -13.22 -16.35
C ASP A 190 6.37 -12.39 -15.90
N VAL A 191 5.18 -12.76 -16.34
CA VAL A 191 3.97 -12.06 -15.91
C VAL A 191 3.63 -12.34 -14.45
N PHE A 192 3.81 -13.58 -14.00
CA PHE A 192 3.56 -13.91 -12.62
C PHE A 192 4.52 -13.16 -11.68
N TRP A 193 5.73 -12.90 -12.17
CA TRP A 193 6.69 -12.06 -11.46
C TRP A 193 6.19 -10.62 -11.44
N ALA A 194 5.83 -10.08 -12.59
CA ALA A 194 5.44 -8.69 -12.70
C ALA A 194 4.27 -8.31 -11.80
N ILE A 195 3.27 -9.17 -11.71
CA ILE A 195 2.08 -8.82 -10.93
C ILE A 195 2.36 -8.79 -9.43
N ARG A 196 3.44 -9.45 -9.00
CA ARG A 196 3.78 -9.53 -7.58
C ARG A 196 4.61 -8.34 -7.11
N GLY A 197 4.13 -7.14 -7.41
CA GLY A 197 4.84 -5.94 -7.00
C GLY A 197 5.04 -4.89 -8.08
N GLY A 198 4.72 -5.23 -9.33
CA GLY A 198 4.92 -4.33 -10.44
C GLY A 198 3.89 -3.19 -10.52
N GLY A 199 2.94 -3.18 -9.60
CA GLY A 199 1.97 -2.09 -9.53
C GLY A 199 0.60 -2.47 -10.07
N GLY A 200 -0.44 -2.03 -9.39
CA GLY A 200 -1.79 -2.26 -9.86
C GLY A 200 -2.15 -1.40 -11.07
N GLY A 201 -3.15 -1.85 -11.81
CA GLY A 201 -3.71 -1.09 -12.92
C GLY A 201 -2.85 -1.08 -14.17
N VAL A 202 -2.00 -2.10 -14.30
CA VAL A 202 -0.99 -2.15 -15.38
C VAL A 202 -1.00 -3.43 -16.22
N TRP A 203 -1.35 -4.56 -15.61
CA TRP A 203 -1.14 -5.87 -16.23
C TRP A 203 -2.40 -6.54 -16.71
N GLY A 204 -3.53 -6.02 -16.25
CA GLY A 204 -4.81 -6.70 -16.35
C GLY A 204 -5.50 -6.60 -15.01
N ALA A 205 -6.60 -7.32 -14.84
CA ALA A 205 -7.32 -7.30 -13.57
C ALA A 205 -7.07 -8.60 -12.80
N ILE A 206 -6.45 -8.49 -11.64
CA ILE A 206 -6.33 -9.65 -10.78
C ILE A 206 -7.71 -10.02 -10.30
N TYR A 207 -8.11 -11.27 -10.55
CA TYR A 207 -9.35 -11.78 -9.99
C TYR A 207 -9.12 -12.31 -8.57
N ALA A 208 -8.04 -13.06 -8.38
CA ALA A 208 -7.75 -13.64 -7.07
C ALA A 208 -6.27 -13.92 -6.88
N TRP A 209 -5.84 -13.88 -5.63
CA TRP A 209 -4.48 -14.22 -5.24
C TRP A 209 -4.49 -15.54 -4.49
N LYS A 210 -3.52 -16.40 -4.75
CA LYS A 210 -3.30 -17.56 -3.89
C LYS A 210 -2.07 -17.30 -3.03
N ILE A 211 -2.28 -17.26 -1.72
CA ILE A 211 -1.21 -16.93 -0.78
C ILE A 211 -0.86 -18.11 0.10
N LYS A 212 0.40 -18.15 0.54
CA LYS A 212 0.82 -19.13 1.55
C LYS A 212 0.60 -18.52 2.93
N LEU A 213 -0.15 -19.23 3.77
CA LEU A 213 -0.36 -18.77 5.13
C LEU A 213 0.87 -19.12 5.97
N LEU A 214 1.16 -18.28 6.96
CA LEU A 214 2.44 -18.31 7.65
C LEU A 214 2.27 -18.60 9.14
N PRO A 215 3.21 -19.35 9.73
CA PRO A 215 3.07 -19.66 11.15
C PRO A 215 3.16 -18.42 12.04
N VAL A 216 2.32 -18.39 13.06
CA VAL A 216 2.44 -17.41 14.14
C VAL A 216 2.20 -18.13 15.45
N PRO A 217 2.83 -17.68 16.53
CA PRO A 217 2.57 -18.30 17.84
C PRO A 217 1.16 -17.98 18.32
N GLU A 218 0.64 -18.78 19.24
CA GLU A 218 -0.71 -18.52 19.73
CA GLU A 218 -0.69 -18.57 19.83
C GLU A 218 -0.79 -17.21 20.52
N LYS A 219 0.33 -16.78 21.08
CA LYS A 219 0.38 -15.47 21.73
C LYS A 219 1.60 -14.72 21.23
N VAL A 220 1.37 -13.49 20.82
CA VAL A 220 2.46 -12.59 20.44
C VAL A 220 2.44 -11.43 21.43
N THR A 221 3.47 -10.60 21.38
CA THR A 221 3.55 -9.46 22.30
C THR A 221 3.62 -8.16 21.52
N VAL A 222 2.81 -7.19 21.92
CA VAL A 222 2.83 -5.87 21.32
C VAL A 222 2.85 -4.78 22.37
N PHE A 223 3.27 -3.60 21.96
CA PHE A 223 3.10 -2.40 22.76
C PHE A 223 2.88 -1.20 21.85
N ARG A 224 2.17 -0.22 22.39
CA ARG A 224 1.92 1.05 21.71
C ARG A 224 2.07 2.11 22.78
N VAL A 225 3.20 2.78 22.79
CA VAL A 225 3.50 3.72 23.86
C VAL A 225 3.88 5.07 23.28
N THR A 226 3.18 6.12 23.72
CA THR A 226 3.49 7.46 23.26
C THR A 226 4.35 8.18 24.29
N LYS A 227 5.52 8.62 23.84
CA LYS A 227 6.42 9.42 24.65
C LYS A 227 6.13 10.89 24.38
N ASN A 228 5.87 11.65 25.44
CA ASN A 228 5.69 13.08 25.33
C ASN A 228 6.92 13.77 25.89
N VAL A 229 7.75 14.28 24.98
CA VAL A 229 9.08 14.73 25.33
C VAL A 229 9.42 16.05 24.64
N ALA A 230 10.62 16.56 24.91
CA ALA A 230 11.12 17.74 24.23
C ALA A 230 12.05 17.33 23.10
N ILE A 231 12.44 18.28 22.25
CA ILE A 231 13.16 17.95 21.03
C ILE A 231 14.53 17.30 21.23
N ASP A 232 15.26 17.69 22.27
N ASP A 232 15.25 17.68 22.28
CA ASP A 232 16.56 17.09 22.54
CA ASP A 232 16.55 17.08 22.52
C ASP A 232 16.39 15.58 22.72
C ASP A 232 16.44 15.58 22.78
N GLU A 233 15.49 15.19 23.62
CA GLU A 233 15.26 13.78 23.91
C GLU A 233 14.62 13.06 22.71
N ALA A 234 13.67 13.71 22.05
CA ALA A 234 13.03 13.09 20.90
C ALA A 234 14.05 12.80 19.81
N THR A 235 14.99 13.72 19.62
CA THR A 235 16.04 13.54 18.61
C THR A 235 16.95 12.37 18.99
N SER A 236 17.36 12.29 20.25
CA SER A 236 18.21 11.18 20.65
C SER A 236 17.49 9.84 20.61
N LEU A 237 16.18 9.86 20.88
CA LEU A 237 15.37 8.65 20.78
C LEU A 237 15.28 8.17 19.35
N LEU A 238 14.97 9.08 18.42
CA LEU A 238 14.87 8.68 17.01
C LEU A 238 16.22 8.26 16.45
N HIS A 239 17.28 8.96 16.83
CA HIS A 239 18.60 8.63 16.32
C HIS A 239 19.05 7.24 16.77
N LYS A 240 18.77 6.87 18.01
CA LYS A 240 19.07 5.53 18.47
C LYS A 240 18.08 4.51 17.88
N TRP A 241 16.82 4.92 17.76
CA TRP A 241 15.80 4.02 17.24
C TRP A 241 16.23 3.38 15.92
N GLN A 242 16.84 4.16 15.03
CA GLN A 242 17.14 3.62 13.70
C GLN A 242 18.09 2.43 13.79
N PHE A 243 19.01 2.46 14.74
CA PHE A 243 19.96 1.36 14.88
C PHE A 243 19.29 0.16 15.53
N VAL A 244 18.49 0.42 16.56
CA VAL A 244 17.77 -0.65 17.24
C VAL A 244 16.88 -1.39 16.25
N ALA A 245 16.16 -0.63 15.43
CA ALA A 245 15.15 -1.18 14.51
C ALA A 245 15.73 -2.10 13.43
N GLU A 246 16.62 -1.56 12.61
CA GLU A 246 17.17 -2.33 11.50
C GLU A 246 17.91 -3.56 12.01
N GLU A 247 18.48 -3.45 13.21
CA GLU A 247 19.34 -4.51 13.74
C GLU A 247 18.64 -5.60 14.55
N LEU A 248 17.45 -5.32 15.06
CA LEU A 248 16.73 -6.30 15.87
C LEU A 248 16.69 -7.63 15.15
N GLU A 249 16.62 -8.72 15.90
CA GLU A 249 16.38 -10.02 15.29
C GLU A 249 15.02 -10.03 14.58
N GLU A 250 14.87 -10.92 13.61
CA GLU A 250 13.67 -10.90 12.75
C GLU A 250 12.36 -11.10 13.50
N ASP A 251 12.43 -11.67 14.70
CA ASP A 251 11.23 -11.90 15.52
C ASP A 251 10.75 -10.65 16.24
N PHE A 252 11.41 -9.52 16.00
CA PHE A 252 11.01 -8.25 16.59
C PHE A 252 10.86 -7.16 15.54
N THR A 253 9.88 -6.29 15.73
CA THR A 253 9.74 -5.09 14.93
C THR A 253 9.46 -3.91 15.85
N LEU A 254 10.17 -2.79 15.64
CA LEU A 254 9.87 -1.56 16.37
C LEU A 254 9.73 -0.41 15.39
N SER A 255 8.53 0.15 15.30
CA SER A 255 8.25 1.26 14.39
CA SER A 255 8.30 1.28 14.40
C SER A 255 7.82 2.50 15.16
N VAL A 256 7.80 3.65 14.48
CA VAL A 256 7.47 4.91 15.14
C VAL A 256 6.54 5.78 14.33
N LEU A 257 5.63 6.45 15.02
CA LEU A 257 4.88 7.57 14.46
C LEU A 257 5.25 8.79 15.26
N GLY A 258 5.43 9.92 14.61
CA GLY A 258 5.86 11.11 15.32
C GLY A 258 5.25 12.41 14.82
N GLY A 259 5.14 13.37 15.72
CA GLY A 259 4.66 14.69 15.39
C GLY A 259 5.04 15.65 16.50
N ALA A 260 4.67 16.92 16.35
CA ALA A 260 5.01 17.89 17.36
C ALA A 260 4.10 19.12 17.29
N ASP A 261 4.20 19.97 18.30
CA ASP A 261 3.49 21.23 18.33
C ASP A 261 4.30 22.14 19.23
N GLU A 262 5.05 23.05 18.62
CA GLU A 262 5.97 23.92 19.34
CA GLU A 262 5.98 23.91 19.34
C GLU A 262 6.93 23.07 20.19
N LYS A 263 6.93 23.29 21.50
CA LYS A 263 7.88 22.58 22.37
C LYS A 263 7.50 21.14 22.68
N GLN A 264 6.27 20.75 22.38
CA GLN A 264 5.81 19.41 22.71
C GLN A 264 5.96 18.45 21.53
N VAL A 265 6.83 17.46 21.70
CA VAL A 265 7.01 16.41 20.70
C VAL A 265 6.38 15.12 21.19
N TRP A 266 5.69 14.41 20.30
CA TRP A 266 5.15 13.11 20.62
C TRP A 266 5.71 12.05 19.68
N LEU A 267 6.14 10.93 20.27
CA LEU A 267 6.62 9.79 19.52
C LEU A 267 5.84 8.57 19.99
N THR A 268 5.11 7.94 19.08
CA THR A 268 4.41 6.71 19.40
C THR A 268 5.23 5.51 18.93
N MET A 269 5.67 4.71 19.89
CA MET A 269 6.48 3.53 19.59
C MET A 269 5.58 2.32 19.49
N LEU A 270 5.66 1.63 18.35
CA LEU A 270 4.87 0.44 18.07
C LEU A 270 5.78 -0.77 18.05
N GLY A 271 5.55 -1.71 18.97
CA GLY A 271 6.40 -2.88 19.08
C GLY A 271 5.66 -4.18 18.82
N PHE A 272 6.36 -5.12 18.19
CA PHE A 272 5.81 -6.45 17.93
C PHE A 272 6.89 -7.49 18.16
N HIS A 273 6.54 -8.55 18.89
CA HIS A 273 7.44 -9.68 19.04
C HIS A 273 6.70 -10.99 18.80
N PHE A 274 7.32 -11.84 17.97
CA PHE A 274 6.81 -13.18 17.69
CA PHE A 274 6.88 -13.19 17.66
C PHE A 274 7.10 -14.11 18.87
N GLY A 275 6.44 -13.83 19.99
CA GLY A 275 6.70 -14.57 21.20
C GLY A 275 6.15 -13.89 22.44
N LEU A 276 6.59 -14.35 23.61
CA LEU A 276 6.02 -13.91 24.88
C LEU A 276 6.69 -12.68 25.47
N LYS A 277 6.06 -12.10 26.48
CA LYS A 277 6.44 -10.77 26.94
C LYS A 277 7.75 -10.74 27.70
N THR A 278 8.13 -11.85 28.34
CA THR A 278 9.37 -11.88 29.11
C THR A 278 10.57 -11.68 28.17
N VAL A 279 10.54 -12.37 27.04
CA VAL A 279 11.59 -12.22 26.03
C VAL A 279 11.53 -10.84 25.39
N ALA A 280 10.33 -10.37 25.07
CA ALA A 280 10.19 -9.05 24.47
C ALA A 280 10.81 -7.98 25.37
N LYS A 281 10.46 -8.00 26.65
CA LYS A 281 10.94 -6.97 27.57
C LYS A 281 12.44 -7.09 27.84
N SER A 282 12.95 -8.31 27.95
CA SER A 282 14.40 -8.46 28.16
C SER A 282 15.16 -7.89 26.97
N THR A 283 14.63 -8.07 25.76
CA THR A 283 15.28 -7.56 24.56
C THR A 283 15.30 -6.03 24.53
N PHE A 284 14.17 -5.40 24.81
CA PHE A 284 14.13 -3.94 24.79
C PHE A 284 14.78 -3.29 26.00
N ASP A 285 14.78 -3.98 27.14
CA ASP A 285 15.51 -3.50 28.30
C ASP A 285 17.00 -3.40 27.95
N LEU A 286 17.49 -4.39 27.22
CA LEU A 286 18.90 -4.46 26.84
C LEU A 286 19.23 -3.47 25.74
N LEU A 287 18.41 -3.44 24.69
CA LEU A 287 18.75 -2.69 23.49
C LEU A 287 18.28 -1.23 23.49
N PHE A 288 17.22 -0.93 24.24
CA PHE A 288 16.62 0.41 24.17
C PHE A 288 16.02 0.83 25.51
N PRO A 289 16.85 0.84 26.57
CA PRO A 289 16.31 1.20 27.88
C PRO A 289 15.82 2.65 27.92
N GLU A 290 16.31 3.47 27.00
CA GLU A 290 15.92 4.87 26.92
C GLU A 290 14.42 5.07 26.67
N LEU A 291 13.77 4.06 26.10
CA LEU A 291 12.34 4.13 25.85
C LEU A 291 11.53 4.19 27.15
N GLY A 292 12.11 3.66 28.22
CA GLY A 292 11.44 3.63 29.51
C GLY A 292 10.16 2.81 29.52
N LEU A 293 10.15 1.71 28.77
CA LEU A 293 9.01 0.81 28.77
C LEU A 293 8.91 0.07 30.10
N VAL A 294 7.70 -0.08 30.60
CA VAL A 294 7.46 -0.83 31.83
C VAL A 294 6.68 -2.12 31.55
N GLU A 295 6.62 -2.99 32.54
CA GLU A 295 5.99 -4.30 32.38
C GLU A 295 4.58 -4.18 31.80
N GLU A 296 3.82 -3.21 32.30
CA GLU A 296 2.41 -3.06 31.93
C GLU A 296 2.22 -2.57 30.50
N ASP A 297 3.31 -2.12 29.88
CA ASP A 297 3.24 -1.68 28.47
C ASP A 297 3.17 -2.87 27.53
N TYR A 298 3.67 -4.01 27.96
CA TYR A 298 3.73 -5.18 27.10
C TYR A 298 2.45 -6.00 27.21
N LEU A 299 1.79 -6.19 26.08
CA LEU A 299 0.53 -6.92 26.06
C LEU A 299 0.68 -8.20 25.25
N GLU A 300 0.23 -9.31 25.82
CA GLU A 300 0.21 -10.59 25.11
C GLU A 300 -1.18 -10.86 24.57
N MET A 301 -1.26 -11.22 23.29
CA MET A 301 -2.55 -11.43 22.66
C MET A 301 -2.38 -12.32 21.45
N SER A 302 -3.48 -12.73 20.84
CA SER A 302 -3.37 -13.55 19.64
C SER A 302 -2.84 -12.73 18.48
N TRP A 303 -2.42 -13.40 17.42
CA TRP A 303 -1.95 -12.68 16.24
C TRP A 303 -3.05 -11.76 15.66
N GLY A 304 -4.26 -12.30 15.55
CA GLY A 304 -5.35 -11.50 15.02
C GLY A 304 -5.65 -10.29 15.89
N GLU A 305 -5.66 -10.51 17.20
CA GLU A 305 -5.80 -9.40 18.13
C GLU A 305 -4.71 -8.37 17.92
N SER A 306 -3.48 -8.83 17.70
CA SER A 306 -2.36 -7.90 17.55
C SER A 306 -2.51 -7.01 16.32
N PHE A 307 -3.04 -7.57 15.24
CA PHE A 307 -3.20 -6.78 14.03
C PHE A 307 -4.34 -5.77 14.18
N ALA A 308 -5.43 -6.16 14.84
CA ALA A 308 -6.48 -5.20 15.13
C ALA A 308 -5.95 -4.10 16.05
N TYR A 309 -5.15 -4.48 17.04
CA TYR A 309 -4.61 -3.55 18.01
CA TYR A 309 -4.63 -3.54 18.00
C TYR A 309 -3.66 -2.53 17.38
N LEU A 310 -2.73 -3.02 16.57
CA LEU A 310 -1.76 -2.15 15.92
C LEU A 310 -2.44 -1.21 14.93
N ALA A 311 -3.60 -1.59 14.43
CA ALA A 311 -4.39 -0.73 13.53
C ALA A 311 -5.25 0.28 14.28
N GLY A 312 -5.25 0.20 15.61
CA GLY A 312 -6.04 1.12 16.41
C GLY A 312 -7.53 0.81 16.44
N LEU A 313 -7.88 -0.43 16.11
CA LEU A 313 -9.28 -0.88 16.14
C LEU A 313 -9.71 -1.25 17.55
N GLU A 314 -11.02 -1.25 17.77
CA GLU A 314 -11.55 -1.65 19.07
C GLU A 314 -11.53 -3.17 19.27
N THR A 315 -11.75 -3.91 18.18
CA THR A 315 -11.93 -5.37 18.25
C THR A 315 -11.46 -6.05 17.00
N VAL A 316 -11.17 -7.34 17.10
CA VAL A 316 -10.91 -8.17 15.93
C VAL A 316 -12.10 -8.10 14.96
N SER A 317 -13.32 -8.06 15.51
CA SER A 317 -14.51 -7.95 14.67
C SER A 317 -14.41 -6.80 13.67
N GLN A 318 -13.83 -5.68 14.09
CA GLN A 318 -13.77 -4.51 13.21
C GLN A 318 -12.89 -4.72 11.99
N LEU A 319 -11.99 -5.69 12.03
CA LEU A 319 -11.18 -6.03 10.85
C LEU A 319 -12.08 -6.36 9.67
N ASN A 320 -13.24 -6.94 9.95
CA ASN A 320 -14.11 -7.46 8.90
C ASN A 320 -15.06 -6.42 8.34
N ASN A 321 -14.87 -5.16 8.74
CA ASN A 321 -15.75 -4.09 8.27
C ASN A 321 -15.02 -3.14 7.33
N ARG A 322 -15.18 -3.36 6.03
CA ARG A 322 -14.40 -2.63 5.02
C ARG A 322 -14.77 -1.15 4.92
N PHE A 323 -15.94 -0.79 5.42
CA PHE A 323 -16.40 0.59 5.33
C PHE A 323 -16.31 1.37 6.65
N LEU A 324 -15.60 0.80 7.62
CA LEU A 324 -15.26 1.52 8.84
C LEU A 324 -14.11 2.46 8.48
N LYS A 325 -14.41 3.75 8.32
CA LYS A 325 -13.40 4.68 7.81
C LYS A 325 -12.21 4.85 8.74
N PHE A 326 -11.00 4.66 8.19
CA PHE A 326 -9.77 4.78 8.96
C PHE A 326 -9.56 6.22 9.44
N ASP A 327 -9.97 7.16 8.61
CA ASP A 327 -9.84 8.58 8.91
C ASP A 327 -10.69 9.34 7.90
N GLU A 328 -11.10 10.56 8.22
CA GLU A 328 -11.94 11.33 7.31
C GLU A 328 -11.24 12.53 6.71
N ARG A 329 -9.92 12.60 6.84
CA ARG A 329 -9.18 13.78 6.39
C ARG A 329 -8.54 13.62 5.01
N ALA A 330 -8.52 14.72 4.25
CA ALA A 330 -7.76 14.78 3.02
C ALA A 330 -6.29 14.70 3.39
N PHE A 331 -5.48 14.09 2.53
CA PHE A 331 -4.07 13.99 2.85
C PHE A 331 -3.17 13.96 1.61
N LYS A 332 -1.91 14.30 1.84
CA LYS A 332 -0.87 14.07 0.86
C LYS A 332 0.29 13.46 1.64
N THR A 333 0.94 12.49 1.03
CA THR A 333 2.03 11.79 1.68
C THR A 333 3.16 11.54 0.69
N LYS A 334 4.38 11.56 1.19
CA LYS A 334 5.55 11.21 0.40
C LYS A 334 6.40 10.24 1.20
N VAL A 335 7.33 9.56 0.53
CA VAL A 335 8.12 8.54 1.19
C VAL A 335 9.56 8.60 0.70
N ASP A 336 10.48 8.21 1.60
CA ASP A 336 11.87 7.98 1.26
C ASP A 336 12.30 6.62 1.74
N LEU A 337 13.30 6.07 1.05
CA LEU A 337 14.05 4.92 1.52
C LEU A 337 15.46 5.39 1.76
N THR A 338 16.13 4.81 2.75
CA THR A 338 17.48 5.22 3.08
C THR A 338 18.49 4.10 2.92
N LYS A 339 19.74 4.48 2.71
CA LYS A 339 20.84 3.52 2.55
C LYS A 339 21.93 3.74 3.60
N GLU A 340 22.04 4.97 4.09
CA GLU A 340 23.01 5.32 5.12
CA GLU A 340 23.01 5.32 5.12
C GLU A 340 22.28 5.78 6.36
N PRO A 341 22.88 5.62 7.54
CA PRO A 341 22.21 6.09 8.76
C PRO A 341 21.90 7.59 8.67
N LEU A 342 20.78 7.99 9.26
CA LEU A 342 20.42 9.40 9.31
C LEU A 342 21.19 10.07 10.43
N PRO A 343 21.81 11.22 10.15
CA PRO A 343 22.51 11.93 11.21
C PRO A 343 21.51 12.54 12.19
N SER A 344 21.94 12.75 13.42
CA SER A 344 21.09 13.34 14.43
C SER A 344 20.42 14.63 13.93
N LYS A 345 21.17 15.47 13.22
CA LYS A 345 20.65 16.75 12.76
C LYS A 345 19.49 16.59 11.77
N ALA A 346 19.40 15.44 11.12
CA ALA A 346 18.27 15.19 10.23
C ALA A 346 16.99 15.00 11.03
N PHE A 347 17.07 14.21 12.10
CA PHE A 347 15.93 14.07 13.00
C PHE A 347 15.59 15.38 13.68
N TYR A 348 16.61 16.14 14.11
CA TYR A 348 16.37 17.41 14.78
C TYR A 348 15.60 18.35 13.84
N GLY A 349 16.06 18.45 12.60
CA GLY A 349 15.43 19.34 11.62
C GLY A 349 14.03 18.90 11.23
N LEU A 350 13.83 17.59 11.14
CA LEU A 350 12.52 17.04 10.86
C LEU A 350 11.56 17.38 11.98
N LEU A 351 12.00 17.22 13.22
CA LEU A 351 11.17 17.55 14.37
C LEU A 351 10.90 19.05 14.47
N GLU A 352 11.87 19.89 14.12
CA GLU A 352 11.65 21.32 14.11
C GLU A 352 10.52 21.66 13.15
N ARG A 353 10.54 21.04 11.98
CA ARG A 353 9.53 21.30 10.97
CA ARG A 353 9.52 21.31 10.98
C ARG A 353 8.14 20.78 11.41
N LEU A 354 8.12 19.59 12.01
CA LEU A 354 6.88 19.07 12.56
C LEU A 354 6.31 19.99 13.64
N SER A 355 7.18 20.60 14.43
CA SER A 355 6.74 21.45 15.53
C SER A 355 6.00 22.69 15.01
N LYS A 356 6.26 23.05 13.77
CA LYS A 356 5.63 24.22 13.17
C LYS A 356 4.36 23.89 12.39
N GLU A 357 4.07 22.59 12.28
CA GLU A 357 2.93 22.14 11.50
C GLU A 357 2.29 20.91 12.15
N PRO A 358 1.39 21.14 13.12
CA PRO A 358 0.78 20.03 13.86
C PRO A 358 -0.10 19.12 12.99
N ASN A 359 -0.41 19.52 11.77
CA ASN A 359 -1.15 18.65 10.86
C ASN A 359 -0.24 17.67 10.11
N GLY A 360 1.06 17.81 10.33
CA GLY A 360 2.02 16.90 9.72
C GLY A 360 2.43 15.80 10.70
N PHE A 361 2.82 14.65 10.16
CA PHE A 361 3.45 13.63 10.98
C PHE A 361 4.34 12.74 10.14
N ILE A 362 5.15 11.93 10.81
CA ILE A 362 6.04 11.01 10.13
C ILE A 362 5.81 9.60 10.64
N ALA A 363 6.13 8.64 9.79
CA ALA A 363 6.07 7.24 10.16
C ALA A 363 7.40 6.62 9.75
N LEU A 364 8.02 5.88 10.66
CA LEU A 364 9.35 5.33 10.43
C LEU A 364 9.37 3.82 10.63
N ASN A 365 9.92 3.10 9.67
CA ASN A 365 10.06 1.66 9.73
C ASN A 365 11.45 1.22 9.33
N GLY A 366 11.98 0.22 10.03
CA GLY A 366 13.23 -0.39 9.63
C GLY A 366 12.99 -1.57 8.70
N PHE A 367 13.94 -1.79 7.81
CA PHE A 367 13.97 -3.02 7.04
C PHE A 367 14.91 -3.98 7.75
N GLY A 368 15.78 -4.65 7.01
CA GLY A 368 16.60 -5.68 7.62
C GLY A 368 15.82 -6.97 7.81
N GLY A 369 16.37 -7.87 8.61
CA GLY A 369 15.76 -9.18 8.76
C GLY A 369 15.56 -9.85 7.42
N GLN A 370 14.38 -10.42 7.21
CA GLN A 370 14.08 -11.14 5.98
CA GLN A 370 14.12 -11.14 5.98
C GLN A 370 14.14 -10.23 4.75
N MET A 371 13.93 -8.93 4.95
CA MET A 371 13.96 -8.02 3.80
C MET A 371 15.36 -7.96 3.20
N SER A 372 16.38 -8.27 3.99
CA SER A 372 17.76 -8.31 3.47
C SER A 372 18.15 -9.67 2.94
N LYS A 373 17.28 -10.66 3.11
CA LYS A 373 17.59 -12.02 2.66
C LYS A 373 16.92 -12.37 1.33
N ILE A 374 15.98 -11.54 0.93
CA ILE A 374 15.29 -11.70 -0.34
C ILE A 374 16.04 -10.91 -1.42
N SER A 375 16.31 -11.54 -2.56
CA SER A 375 17.06 -10.89 -3.62
C SER A 375 16.27 -9.72 -4.21
N SER A 376 16.98 -8.73 -4.74
CA SER A 376 16.35 -7.55 -5.29
C SER A 376 15.45 -7.87 -6.48
N ASP A 377 15.67 -8.99 -7.15
CA ASP A 377 14.83 -9.33 -8.30
C ASP A 377 13.91 -10.53 -8.07
N PHE A 378 13.79 -10.99 -6.82
CA PHE A 378 12.86 -12.07 -6.52
C PHE A 378 11.45 -11.70 -6.96
N THR A 379 11.04 -10.49 -6.61
CA THR A 379 9.82 -9.88 -7.12
C THR A 379 10.21 -8.46 -7.53
N PRO A 380 9.30 -7.71 -8.17
CA PRO A 380 9.66 -6.37 -8.65
C PRO A 380 10.12 -5.35 -7.59
N PHE A 381 9.68 -5.48 -6.34
CA PHE A 381 10.13 -4.56 -5.29
C PHE A 381 11.62 -4.79 -5.03
N PRO A 382 12.45 -3.78 -5.31
CA PRO A 382 13.90 -4.01 -5.36
C PRO A 382 14.66 -3.63 -4.09
N HIS A 383 13.99 -3.02 -3.14
CA HIS A 383 14.67 -2.42 -1.98
C HIS A 383 14.85 -3.43 -0.86
N ARG A 384 15.94 -4.19 -0.98
CA ARG A 384 16.18 -5.31 -0.09
C ARG A 384 17.48 -5.08 0.71
N SER A 385 18.45 -5.97 0.62
CA SER A 385 19.71 -5.75 1.33
C SER A 385 20.27 -4.36 1.03
N GLY A 386 20.75 -3.69 2.07
CA GLY A 386 21.30 -2.36 1.93
C GLY A 386 20.31 -1.26 2.25
N THR A 387 19.02 -1.58 2.19
CA THR A 387 17.99 -0.62 2.54
C THR A 387 17.81 -0.61 4.04
N ARG A 388 17.95 0.57 4.66
CA ARG A 388 17.89 0.68 6.12
CA ARG A 388 17.89 0.68 6.12
C ARG A 388 16.50 1.04 6.62
N LEU A 389 15.96 2.17 6.16
CA LEU A 389 14.68 2.66 6.66
C LEU A 389 13.72 3.05 5.55
N MET A 390 12.44 3.02 5.89
CA MET A 390 11.41 3.68 5.11
C MET A 390 10.88 4.81 5.97
N VAL A 391 10.83 6.02 5.40
CA VAL A 391 10.42 7.22 6.10
C VAL A 391 9.24 7.86 5.37
N GLU A 392 8.08 7.92 6.02
CA GLU A 392 6.90 8.51 5.40
CA GLU A 392 6.91 8.52 5.40
C GLU A 392 6.62 9.87 6.02
N TYR A 393 6.28 10.84 5.16
CA TYR A 393 5.92 12.19 5.61
C TYR A 393 4.49 12.43 5.17
N ILE A 394 3.64 12.81 6.12
CA ILE A 394 2.22 12.98 5.83
C ILE A 394 1.72 14.32 6.32
N VAL A 395 0.86 14.95 5.54
CA VAL A 395 0.09 16.09 6.04
C VAL A 395 -1.37 15.81 5.73
N ALA A 396 -2.23 16.07 6.72
CA ALA A 396 -3.66 15.74 6.63
C ALA A 396 -4.49 16.84 7.25
N TRP A 397 -5.69 17.06 6.72
CA TRP A 397 -6.53 18.15 7.19
C TRP A 397 -8.01 17.87 6.98
N ASN A 398 -8.85 18.51 7.79
CA ASN A 398 -10.29 18.37 7.66
C ASN A 398 -10.91 19.51 6.85
N GLN A 399 -12.21 19.41 6.59
CA GLN A 399 -12.89 20.39 5.74
C GLN A 399 -12.76 21.82 6.25
N SER A 400 -12.79 21.98 7.57
CA SER A 400 -12.73 23.32 8.17
C SER A 400 -11.37 23.98 7.95
N GLU A 401 -10.38 23.18 7.56
CA GLU A 401 -9.02 23.69 7.38
C GLU A 401 -8.68 23.83 5.91
N GLN A 402 -9.70 23.81 5.06
CA GLN A 402 -9.52 23.75 3.61
C GLN A 402 -8.68 24.88 3.02
N LYS A 403 -8.80 26.08 3.58
CA LYS A 403 -8.09 27.23 3.01
C LYS A 403 -6.59 27.18 3.28
N LYS A 404 -6.16 26.26 4.15
CA LYS A 404 -4.74 26.10 4.44
C LYS A 404 -4.11 25.03 3.55
N LYS A 405 -4.88 24.51 2.60
CA LYS A 405 -4.40 23.42 1.75
C LYS A 405 -3.06 23.76 1.10
N THR A 406 -2.99 24.92 0.46
CA THR A 406 -1.77 25.33 -0.21
C THR A 406 -0.59 25.36 0.77
N GLU A 407 -0.85 25.87 1.97
CA GLU A 407 0.18 25.94 3.00
C GLU A 407 0.64 24.55 3.44
N PHE A 408 -0.31 23.63 3.60
CA PHE A 408 0.02 22.27 4.01
C PHE A 408 0.92 21.60 2.99
N LEU A 409 0.57 21.72 1.71
CA LEU A 409 1.34 21.10 0.64
C LEU A 409 2.73 21.72 0.51
N ASP A 410 2.83 23.02 0.72
CA ASP A 410 4.11 23.71 0.72
C ASP A 410 4.99 23.14 1.85
N TRP A 411 4.39 22.95 3.02
CA TRP A 411 5.14 22.41 4.15
C TRP A 411 5.73 21.04 3.81
N LEU A 412 4.90 20.18 3.25
CA LEU A 412 5.34 18.85 2.85
C LEU A 412 6.45 18.90 1.81
N GLU A 413 6.29 19.77 0.82
CA GLU A 413 7.32 19.95 -0.21
C GLU A 413 8.65 20.33 0.44
N LYS A 414 8.60 21.25 1.38
CA LYS A 414 9.80 21.73 2.05
C LYS A 414 10.45 20.65 2.91
N VAL A 415 9.65 19.82 3.55
CA VAL A 415 10.18 18.70 4.34
C VAL A 415 10.94 17.74 3.43
N TYR A 416 10.34 17.41 2.29
CA TYR A 416 10.95 16.48 1.35
C TYR A 416 12.26 17.06 0.81
N GLU A 417 12.27 18.36 0.54
CA GLU A 417 13.50 19.02 0.09
C GLU A 417 14.57 18.96 1.18
N PHE A 418 14.18 19.20 2.43
CA PHE A 418 15.12 19.16 3.55
C PHE A 418 15.80 17.79 3.68
N MET A 419 15.04 16.73 3.44
CA MET A 419 15.54 15.39 3.66
C MET A 419 16.44 14.89 2.53
N LYS A 420 16.40 15.59 1.40
CA LYS A 420 17.11 15.14 0.19
C LYS A 420 18.55 14.63 0.41
N PRO A 421 19.39 15.40 1.13
CA PRO A 421 20.79 14.97 1.27
C PRO A 421 21.00 13.72 2.12
N PHE A 422 20.01 13.33 2.92
CA PHE A 422 20.21 12.25 3.89
C PHE A 422 19.71 10.90 3.43
N VAL A 423 18.87 10.91 2.40
CA VAL A 423 18.16 9.70 1.99
C VAL A 423 18.76 9.15 0.70
N SER A 424 18.17 8.10 0.15
CA SER A 424 18.70 7.50 -1.07
C SER A 424 18.84 8.52 -2.19
N LYS A 425 19.87 8.34 -3.02
CA LYS A 425 20.18 9.27 -4.10
C LYS A 425 20.59 8.52 -5.35
N ASN A 426 20.38 9.16 -6.50
CA ASN A 426 20.87 8.65 -7.78
C ASN A 426 20.42 7.22 -8.08
N PRO A 427 19.10 7.00 -8.13
CA PRO A 427 18.03 7.99 -7.98
C PRO A 427 17.44 8.00 -6.57
N ARG A 428 16.66 9.03 -6.27
CA ARG A 428 15.92 9.07 -5.01
C ARG A 428 14.81 8.02 -5.09
N LEU A 429 14.86 7.03 -4.21
CA LEU A 429 14.03 5.84 -4.33
C LEU A 429 12.60 6.07 -3.87
N GLY A 430 11.70 5.23 -4.36
CA GLY A 430 10.30 5.28 -3.97
C GLY A 430 9.71 3.90 -3.90
N TYR A 431 8.39 3.85 -3.71
CA TYR A 431 7.68 2.60 -3.50
C TYR A 431 6.36 2.72 -4.24
N VAL A 432 6.06 1.79 -5.15
CA VAL A 432 4.93 1.97 -6.04
C VAL A 432 3.58 2.01 -5.29
N ASN A 433 3.47 1.34 -4.15
CA ASN A 433 2.24 1.46 -3.36
C ASN A 433 2.10 2.84 -2.74
N HIS A 434 3.22 3.58 -2.71
CA HIS A 434 3.24 4.96 -2.24
CA HIS A 434 3.20 4.96 -2.25
C HIS A 434 3.32 5.86 -3.46
N ILE A 435 2.47 5.58 -4.45
CA ILE A 435 2.49 6.28 -5.73
C ILE A 435 2.48 7.78 -5.53
N ASP A 436 3.36 8.47 -6.25
CA ASP A 436 3.56 9.90 -6.07
C ASP A 436 3.69 10.58 -7.43
N LEU A 437 2.66 11.34 -7.80
CA LEU A 437 2.63 11.99 -9.11
C LEU A 437 3.51 13.23 -9.20
N ASP A 438 4.11 13.65 -8.09
CA ASP A 438 5.06 14.75 -8.14
C ASP A 438 6.24 14.35 -9.01
N LEU A 439 6.47 13.04 -9.10
CA LEU A 439 7.56 12.49 -9.90
C LEU A 439 7.34 12.68 -11.40
N GLY A 440 6.11 12.98 -11.79
CA GLY A 440 5.76 13.13 -13.21
C GLY A 440 4.66 12.17 -13.61
N GLY A 441 4.29 12.19 -14.89
CA GLY A 441 3.24 11.31 -15.41
C GLY A 441 3.09 11.38 -16.92
N ILE A 442 2.71 10.27 -17.54
CA ILE A 442 2.49 10.19 -18.98
C ILE A 442 1.06 10.53 -19.35
N ASP A 443 0.91 11.42 -20.32
CA ASP A 443 -0.38 11.61 -20.98
C ASP A 443 -0.39 10.68 -22.20
N TRP A 444 -1.13 9.58 -22.10
CA TRP A 444 -1.11 8.55 -23.14
C TRP A 444 -1.77 9.02 -24.44
N GLY A 445 -2.41 10.20 -24.40
CA GLY A 445 -3.01 10.78 -25.58
C GLY A 445 -2.09 11.73 -26.31
N ASN A 446 -0.91 11.95 -25.75
CA ASN A 446 0.07 12.89 -26.30
C ASN A 446 1.15 12.15 -27.10
N LYS A 447 1.14 12.32 -28.43
CA LYS A 447 1.97 11.46 -29.27
C LYS A 447 3.47 11.64 -29.07
N THR A 448 3.93 12.87 -28.86
CA THR A 448 5.36 13.10 -28.70
C THR A 448 5.85 12.48 -27.39
N VAL A 449 5.02 12.53 -26.36
CA VAL A 449 5.36 11.92 -25.08
C VAL A 449 5.39 10.40 -25.20
N VAL A 450 4.36 9.84 -25.82
CA VAL A 450 4.28 8.39 -25.98
C VAL A 450 5.45 7.82 -26.79
N ASN A 451 5.90 8.54 -27.81
CA ASN A 451 7.09 8.11 -28.56
C ASN A 451 8.30 7.90 -27.65
N ASN A 452 8.42 8.75 -26.63
CA ASN A 452 9.55 8.69 -25.71
C ASN A 452 9.14 8.16 -24.35
N ALA A 453 8.09 7.34 -24.32
CA ALA A 453 7.50 6.91 -23.06
C ALA A 453 8.47 6.17 -22.14
N ILE A 454 9.31 5.31 -22.70
CA ILE A 454 10.24 4.53 -21.88
C ILE A 454 11.22 5.41 -21.12
N GLU A 455 11.87 6.35 -21.81
CA GLU A 455 12.81 7.25 -21.15
CA GLU A 455 12.81 7.25 -21.15
C GLU A 455 12.09 8.11 -20.12
N ILE A 456 10.97 8.70 -20.53
CA ILE A 456 10.21 9.57 -19.62
C ILE A 456 9.80 8.82 -18.36
N SER A 457 9.32 7.59 -18.54
CA SER A 457 8.81 6.79 -17.43
CA SER A 457 8.80 6.80 -17.43
C SER A 457 9.90 6.29 -16.51
N ARG A 458 11.15 6.38 -16.97
CA ARG A 458 12.28 5.91 -16.18
C ARG A 458 12.42 6.75 -14.90
N SER A 459 11.94 7.98 -14.95
CA SER A 459 12.03 8.89 -13.80
CA SER A 459 12.04 8.88 -13.80
C SER A 459 11.43 8.26 -12.55
N TRP A 460 10.17 7.85 -12.64
CA TRP A 460 9.54 7.17 -11.51
C TRP A 460 9.79 5.66 -11.55
N GLY A 461 9.88 5.11 -12.75
CA GLY A 461 10.05 3.68 -12.89
C GLY A 461 11.28 3.13 -12.19
N GLU A 462 12.41 3.80 -12.35
CA GLU A 462 13.63 3.34 -11.69
C GLU A 462 13.63 3.66 -10.19
N SER A 463 12.90 4.69 -9.81
CA SER A 463 12.74 4.98 -8.38
C SER A 463 11.98 3.85 -7.66
N TYR A 464 10.96 3.32 -8.32
CA TYR A 464 10.13 2.27 -7.74
C TYR A 464 10.75 0.88 -7.88
N PHE A 465 11.47 0.66 -8.99
CA PHE A 465 11.82 -0.71 -9.38
C PHE A 465 13.30 -0.92 -9.69
N LEU A 466 14.06 0.17 -9.73
CA LEU A 466 15.48 0.10 -10.09
C LEU A 466 15.71 -0.78 -11.32
N SER A 467 16.62 -1.74 -11.22
CA SER A 467 17.01 -2.56 -12.37
C SER A 467 15.90 -3.49 -12.87
N ASN A 468 14.86 -3.67 -12.06
CA ASN A 468 13.73 -4.50 -12.44
C ASN A 468 12.87 -3.86 -13.51
N TYR A 469 13.13 -2.59 -13.80
CA TYR A 469 12.35 -1.82 -14.77
CA TYR A 469 12.33 -1.85 -14.76
C TYR A 469 12.34 -2.49 -16.14
N GLU A 470 13.51 -2.92 -16.60
CA GLU A 470 13.62 -3.54 -17.92
C GLU A 470 12.75 -4.79 -18.08
N ARG A 471 12.80 -5.69 -17.09
CA ARG A 471 11.99 -6.90 -17.14
C ARG A 471 10.49 -6.56 -17.06
N LEU A 472 10.13 -5.54 -16.29
CA LEU A 472 8.74 -5.10 -16.22
C LEU A 472 8.23 -4.66 -17.58
N ILE A 473 9.05 -3.92 -18.33
CA ILE A 473 8.66 -3.48 -19.67
C ILE A 473 8.43 -4.66 -20.59
N ARG A 474 9.29 -5.66 -20.52
CA ARG A 474 9.10 -6.85 -21.34
CA ARG A 474 9.10 -6.85 -21.34
C ARG A 474 7.82 -7.60 -20.96
N ALA A 475 7.55 -7.71 -19.67
CA ALA A 475 6.31 -8.38 -19.23
C ALA A 475 5.07 -7.61 -19.66
N LYS A 476 5.15 -6.28 -19.60
CA LYS A 476 4.04 -5.43 -20.00
C LYS A 476 3.72 -5.62 -21.48
N THR A 477 4.77 -5.65 -22.29
CA THR A 477 4.63 -5.80 -23.74
C THR A 477 3.98 -7.14 -24.07
N LEU A 478 4.31 -8.15 -23.27
CA LEU A 478 3.78 -9.49 -23.46
C LEU A 478 2.29 -9.61 -23.12
N ILE A 479 1.90 -9.10 -21.96
CA ILE A 479 0.55 -9.32 -21.44
C ILE A 479 -0.45 -8.23 -21.83
N ASP A 480 0.05 -7.03 -22.14
CA ASP A 480 -0.82 -5.92 -22.50
C ASP A 480 -0.17 -5.04 -23.56
N PRO A 481 0.14 -5.61 -24.74
CA PRO A 481 0.84 -4.88 -25.80
C PRO A 481 0.06 -3.65 -26.26
N ASN A 482 -1.26 -3.68 -26.13
CA ASN A 482 -2.09 -2.58 -26.60
C ASN A 482 -2.39 -1.54 -25.53
N ASN A 483 -1.80 -1.73 -24.36
CA ASN A 483 -1.88 -0.76 -23.27
C ASN A 483 -3.30 -0.46 -22.83
N VAL A 484 -4.10 -1.51 -22.67
CA VAL A 484 -5.46 -1.37 -22.19
C VAL A 484 -5.48 -0.92 -20.73
N PHE A 485 -4.48 -1.37 -19.96
CA PHE A 485 -4.40 -1.00 -18.55
C PHE A 485 -3.30 0.02 -18.35
N ASN A 486 -3.72 1.27 -18.18
CA ASN A 486 -2.80 2.39 -18.15
C ASN A 486 -3.21 3.48 -17.18
N HIS A 487 -2.22 4.24 -16.72
CA HIS A 487 -2.47 5.39 -15.85
C HIS A 487 -1.21 6.27 -15.94
N PRO A 488 -1.19 7.42 -15.26
CA PRO A 488 -0.07 8.34 -15.50
C PRO A 488 1.31 7.72 -15.24
N GLN A 489 1.40 6.70 -14.39
CA GLN A 489 2.70 6.08 -14.12
C GLN A 489 2.78 4.58 -14.41
N SER A 490 1.96 4.10 -15.34
CA SER A 490 1.96 2.69 -15.68
C SER A 490 3.19 2.33 -16.54
N ILE A 491 3.67 1.11 -16.39
CA ILE A 491 4.80 0.64 -17.19
C ILE A 491 4.46 0.70 -18.67
N PRO A 492 5.30 1.36 -19.48
CA PRO A 492 5.01 1.43 -20.92
C PRO A 492 5.29 0.11 -21.62
N PRO A 493 4.43 -0.27 -22.60
CA PRO A 493 4.77 -1.37 -23.49
C PRO A 493 5.68 -0.84 -24.58
N MET A 494 6.46 -1.71 -25.20
CA MET A 494 7.25 -1.26 -26.35
C MET A 494 6.37 -1.09 -27.57
N ALA A 495 6.73 -0.14 -28.42
CA ALA A 495 5.95 0.18 -29.61
C ALA A 495 5.93 -0.99 -30.58
#